data_6ILG
#
_entry.id   6ILG
#
_cell.length_a   72.876
_cell.length_b   86.440
_cell.length_c   135.121
_cell.angle_alpha   90.00
_cell.angle_beta   90.00
_cell.angle_gamma   90.00
#
_symmetry.space_group_name_H-M   'C 2 2 21'
#
loop_
_entity.id
_entity.type
_entity.pdbx_description
1 polymer 'MHC class I antigen'
2 polymer Beta-2-microglobulin
3 polymer HEV-1-P8L
4 water water
#
loop_
_entity_poly.entity_id
_entity_poly.type
_entity_poly.pdbx_seq_one_letter_code
_entity_poly.pdbx_strand_id
1 'polypeptide(L)'
;GFHSLRYFYTAWSRPGSGEPRFVAVGYVDDTQFVRFDSDNASPRAEPRAPWMDLVEQQDPQYWDRNTRNARDAAQTYRVG
LDNVRGYYNQSEAGSHTIQRMYGCDVGPHGRLLRGYDQLAYDGADYIALNEDLRSWTAADLAAQNTRRKWEEAGYAERDR
AYLEGECVEWLLKHLENGRETLLRADPPKTHITHHPISDREVTLRCWALGFYPEEITLTWQHDGEDQTQEMELVETRPDG
NGAFQKWAALVVPSGEEQRYTCHVQHEGLPQPLTLRWEP
;
A
2 'polypeptide(L)'
;EPRTPKIQVYSRHPAENGKPNYLNCYVYGFHPPQIEIDLLKNGQKMKTEQSDLSFSKDWSFYLLVHTDFTPSTVDEYSCR
VNHSSLAAPHMVKWDRNN
;
B
3 'polypeptide(L)' DFANTFLL C
#
# COMPACT_ATOMS: atom_id res chain seq x y z
N GLY A 1 -21.02 -6.43 -0.21
CA GLY A 1 -19.65 -6.87 0.00
C GLY A 1 -18.99 -7.31 -1.29
N PHE A 2 -17.99 -6.56 -1.73
CA PHE A 2 -17.34 -6.78 -3.02
C PHE A 2 -15.89 -7.22 -2.83
N HIS A 3 -15.28 -7.61 -3.93
CA HIS A 3 -13.85 -7.85 -4.03
C HIS A 3 -13.28 -6.97 -5.13
N SER A 4 -11.96 -6.83 -5.14
CA SER A 4 -11.31 -5.89 -6.06
C SER A 4 -10.05 -6.49 -6.65
N LEU A 5 -9.86 -6.27 -7.94
CA LEU A 5 -8.59 -6.49 -8.63
C LEU A 5 -8.06 -5.13 -9.03
N ARG A 6 -6.94 -4.72 -8.45
CA ARG A 6 -6.38 -3.40 -8.68
C ARG A 6 -4.92 -3.49 -9.10
N TYR A 7 -4.53 -2.64 -10.03
CA TYR A 7 -3.15 -2.53 -10.48
C TYR A 7 -2.63 -1.13 -10.23
N PHE A 8 -1.33 -1.03 -9.95
CA PHE A 8 -0.68 0.24 -9.64
C PHE A 8 0.58 0.36 -10.47
N TYR A 9 0.65 1.40 -11.30
CA TYR A 9 1.81 1.65 -12.15
C TYR A 9 2.51 2.91 -11.66
N THR A 10 3.84 2.84 -11.55
CA THR A 10 4.66 4.02 -11.27
C THR A 10 5.81 4.06 -12.25
N ALA A 11 5.91 5.14 -13.01
CA ALA A 11 7.01 5.35 -13.94
C ALA A 11 7.59 6.73 -13.68
N TRP A 12 8.87 6.78 -13.30
CA TRP A 12 9.53 8.04 -13.04
C TRP A 12 10.84 8.12 -13.81
N SER A 13 11.19 9.33 -14.22
CA SER A 13 12.39 9.58 -14.99
C SER A 13 13.58 9.79 -14.07
N ARG A 14 14.76 9.41 -14.58
CA ARG A 14 16.03 9.72 -13.94
C ARG A 14 16.75 10.72 -14.83
N PRO A 15 16.47 12.01 -14.68
CA PRO A 15 16.96 13.00 -15.64
C PRO A 15 18.47 13.13 -15.57
N GLY A 16 19.16 12.27 -16.32
CA GLY A 16 20.57 12.06 -16.09
C GLY A 16 20.75 11.17 -14.88
N SER A 17 20.65 9.86 -15.09
CA SER A 17 20.92 8.79 -14.14
C SER A 17 20.30 7.50 -14.66
N GLY A 18 20.44 7.24 -15.95
CA GLY A 18 19.83 6.08 -16.58
C GLY A 18 18.47 6.41 -17.18
N GLU A 19 17.94 5.42 -17.90
CA GLU A 19 16.62 5.53 -18.49
C GLU A 19 15.56 5.55 -17.39
N PRO A 20 14.32 5.93 -17.71
CA PRO A 20 13.27 5.90 -16.69
C PRO A 20 13.03 4.49 -16.16
N ARG A 21 12.45 4.43 -14.97
CA ARG A 21 12.12 3.17 -14.33
C ARG A 21 10.60 2.98 -14.30
N PHE A 22 10.17 1.74 -14.43
CA PHE A 22 8.77 1.39 -14.46
C PHE A 22 8.52 0.23 -13.52
N VAL A 23 7.58 0.42 -12.59
CA VAL A 23 7.24 -0.60 -11.59
C VAL A 23 5.73 -0.77 -11.58
N ALA A 24 5.28 -2.02 -11.67
CA ALA A 24 3.86 -2.34 -11.67
C ALA A 24 3.60 -3.45 -10.68
N VAL A 25 2.58 -3.26 -9.82
CA VAL A 25 2.16 -4.28 -8.87
C VAL A 25 0.65 -4.48 -9.02
N GLY A 26 0.21 -5.68 -8.68
CA GLY A 26 -1.20 -6.02 -8.77
C GLY A 26 -1.72 -6.55 -7.45
N TYR A 27 -2.95 -6.18 -7.12
CA TYR A 27 -3.57 -6.57 -5.86
C TYR A 27 -4.93 -7.20 -6.11
N VAL A 28 -5.24 -8.24 -5.35
CA VAL A 28 -6.60 -8.68 -5.14
C VAL A 28 -6.95 -8.30 -3.70
N ASP A 29 -7.87 -7.34 -3.56
CA ASP A 29 -8.18 -6.76 -2.26
C ASP A 29 -6.92 -6.20 -1.60
N ASP A 30 -6.59 -6.70 -0.41
CA ASP A 30 -5.43 -6.22 0.34
C ASP A 30 -4.22 -7.13 0.23
N THR A 31 -4.21 -8.04 -0.75
CA THR A 31 -3.12 -8.98 -0.94
C THR A 31 -2.45 -8.73 -2.29
N GLN A 32 -1.13 -8.53 -2.28
CA GLN A 32 -0.38 -8.38 -3.51
C GLN A 32 -0.08 -9.75 -4.11
N PHE A 33 -0.11 -9.83 -5.43
CA PHE A 33 0.07 -11.13 -6.09
C PHE A 33 0.98 -11.10 -7.31
N VAL A 34 1.40 -9.95 -7.81
CA VAL A 34 2.25 -9.90 -9.00
C VAL A 34 3.03 -8.60 -8.97
N ARG A 35 4.19 -8.59 -9.63
CA ARG A 35 5.05 -7.43 -9.68
C ARG A 35 5.80 -7.40 -11.00
N PHE A 36 6.31 -6.22 -11.34
CA PHE A 36 7.19 -6.03 -12.48
C PHE A 36 8.05 -4.80 -12.22
N ASP A 37 9.37 -4.97 -12.32
CA ASP A 37 10.32 -3.88 -12.19
C ASP A 37 11.22 -3.87 -13.44
N SER A 38 11.23 -2.75 -14.15
CA SER A 38 12.02 -2.61 -15.37
C SER A 38 13.52 -2.56 -15.11
N ASP A 39 13.95 -2.47 -13.86
CA ASP A 39 15.38 -2.38 -13.56
C ASP A 39 16.10 -3.71 -13.59
N ASN A 40 15.37 -4.83 -13.61
CA ASN A 40 16.00 -6.14 -13.59
C ASN A 40 16.74 -6.39 -14.91
N ALA A 41 17.54 -7.46 -14.92
CA ALA A 41 18.38 -7.77 -16.08
C ALA A 41 17.51 -7.99 -17.33
N SER A 42 16.69 -9.03 -17.30
CA SER A 42 15.65 -9.25 -18.31
C SER A 42 14.34 -9.30 -17.56
N PRO A 43 13.64 -8.17 -17.42
CA PRO A 43 12.57 -8.09 -16.43
C PRO A 43 11.34 -8.89 -16.85
N ARG A 44 10.76 -9.57 -15.86
CA ARG A 44 9.62 -10.45 -16.09
C ARG A 44 8.55 -10.20 -15.04
N ALA A 45 7.30 -10.44 -15.42
CA ALA A 45 6.22 -10.50 -14.43
C ALA A 45 6.50 -11.65 -13.46
N GLU A 46 6.35 -11.37 -12.18
CA GLU A 46 6.74 -12.35 -11.17
C GLU A 46 5.67 -12.53 -10.12
N PRO A 47 5.48 -13.76 -9.63
CA PRO A 47 4.45 -13.99 -8.60
C PRO A 47 4.89 -13.45 -7.25
N ARG A 48 3.90 -13.03 -6.46
CA ARG A 48 4.13 -12.57 -5.10
C ARG A 48 3.15 -13.16 -4.10
N ALA A 49 2.18 -13.95 -4.55
CA ALA A 49 1.25 -14.68 -3.70
C ALA A 49 1.40 -16.17 -3.97
N PRO A 50 1.05 -17.03 -2.99
CA PRO A 50 1.27 -18.47 -3.18
C PRO A 50 0.54 -19.05 -4.38
N TRP A 51 -0.75 -18.75 -4.53
CA TRP A 51 -1.53 -19.34 -5.61
C TRP A 51 -1.01 -18.96 -6.99
N MET A 52 -0.26 -17.87 -7.10
CA MET A 52 0.33 -17.49 -8.38
C MET A 52 1.44 -18.41 -8.82
N ASP A 53 1.92 -19.30 -7.94
CA ASP A 53 2.90 -20.30 -8.32
C ASP A 53 2.28 -21.45 -9.10
N LEU A 54 0.96 -21.52 -9.18
CA LEU A 54 0.25 -22.52 -9.96
C LEU A 54 -0.37 -21.96 -11.23
N VAL A 55 -0.12 -20.69 -11.55
CA VAL A 55 -0.72 -20.15 -12.76
C VAL A 55 -0.01 -20.64 -14.01
N GLU A 56 1.24 -21.10 -13.89
CA GLU A 56 1.97 -21.60 -15.05
C GLU A 56 1.36 -22.90 -15.56
N GLN A 57 0.91 -23.77 -14.65
CA GLN A 57 0.23 -24.99 -15.08
C GLN A 57 -1.19 -24.72 -15.54
N GLN A 58 -1.87 -23.72 -14.95
CA GLN A 58 -3.26 -23.45 -15.31
C GLN A 58 -3.39 -22.58 -16.55
N ASP A 59 -2.45 -21.66 -16.76
CA ASP A 59 -2.43 -20.82 -17.96
C ASP A 59 -1.00 -20.76 -18.46
N PRO A 60 -0.62 -21.64 -19.38
CA PRO A 60 0.78 -21.73 -19.81
C PRO A 60 1.30 -20.47 -20.49
N GLN A 61 0.44 -19.55 -20.89
CA GLN A 61 0.86 -18.33 -21.57
C GLN A 61 0.76 -17.10 -20.68
N TYR A 62 0.40 -17.26 -19.41
CA TYR A 62 0.16 -16.10 -18.55
C TYR A 62 1.43 -15.27 -18.37
N TRP A 63 2.55 -15.94 -18.06
CA TRP A 63 3.76 -15.19 -17.73
C TRP A 63 4.32 -14.47 -18.95
N ASP A 64 4.32 -15.11 -20.11
CA ASP A 64 4.86 -14.45 -21.30
C ASP A 64 3.92 -13.38 -21.82
N ARG A 65 2.60 -13.60 -21.70
CA ARG A 65 1.64 -12.57 -22.08
C ARG A 65 1.84 -11.30 -21.27
N ASN A 66 1.96 -11.44 -19.94
CA ASN A 66 2.03 -10.28 -19.07
C ASN A 66 3.43 -9.67 -19.05
N THR A 67 4.47 -10.50 -19.14
CA THR A 67 5.83 -9.97 -19.27
C THR A 67 5.95 -9.10 -20.51
N ARG A 68 5.44 -9.60 -21.64
CA ARG A 68 5.42 -8.81 -22.87
C ARG A 68 4.60 -7.53 -22.69
N ASN A 69 3.49 -7.62 -21.96
CA ASN A 69 2.65 -6.45 -21.73
C ASN A 69 3.39 -5.40 -20.91
N ALA A 70 4.05 -5.83 -19.84
CA ALA A 70 4.70 -4.88 -18.93
C ALA A 70 5.93 -4.26 -19.57
N ARG A 71 6.77 -5.08 -20.23
CA ARG A 71 7.91 -4.52 -20.94
C ARG A 71 7.47 -3.53 -22.01
N ASP A 72 6.38 -3.85 -22.72
CA ASP A 72 5.81 -2.89 -23.65
C ASP A 72 5.35 -1.64 -22.94
N ALA A 73 4.65 -1.80 -21.81
CA ALA A 73 4.15 -0.65 -21.06
C ALA A 73 5.30 0.25 -20.60
N ALA A 74 6.42 -0.36 -20.20
CA ALA A 74 7.58 0.43 -19.77
C ALA A 74 8.08 1.33 -20.90
N GLN A 75 7.98 0.85 -22.14
CA GLN A 75 8.45 1.63 -23.28
C GLN A 75 7.57 2.85 -23.52
N THR A 76 6.25 2.66 -23.47
CA THR A 76 5.33 3.74 -23.81
C THR A 76 5.24 4.81 -22.74
N TYR A 77 5.48 4.45 -21.47
CA TYR A 77 5.52 5.44 -20.41
C TYR A 77 6.84 6.21 -20.40
N ARG A 78 7.91 5.57 -20.87
CA ARG A 78 9.16 6.29 -21.10
C ARG A 78 8.94 7.43 -22.08
N VAL A 79 8.26 7.16 -23.19
CA VAL A 79 7.91 8.21 -24.14
C VAL A 79 6.85 9.13 -23.54
N GLY A 80 5.90 8.56 -22.78
CA GLY A 80 4.87 9.37 -22.17
C GLY A 80 5.42 10.44 -21.24
N LEU A 81 6.49 10.11 -20.51
CA LEU A 81 7.15 11.09 -19.65
C LEU A 81 7.61 12.29 -20.45
N ASP A 82 8.25 12.04 -21.61
CA ASP A 82 8.74 13.14 -22.43
C ASP A 82 7.60 13.95 -23.03
N ASN A 83 6.53 13.28 -23.46
CA ASN A 83 5.37 13.99 -23.97
C ASN A 83 4.78 14.92 -22.91
N VAL A 84 4.49 14.37 -21.73
CA VAL A 84 3.89 15.17 -20.67
C VAL A 84 4.82 16.29 -20.23
N ARG A 85 6.13 16.04 -20.24
CA ARG A 85 7.08 17.07 -19.87
C ARG A 85 6.99 18.25 -20.85
N GLY A 86 6.80 17.98 -22.13
CA GLY A 86 6.59 19.05 -23.09
C GLY A 86 5.24 19.71 -22.95
N TYR A 87 4.23 18.98 -22.49
CA TYR A 87 2.91 19.57 -22.28
C TYR A 87 3.00 20.72 -21.28
N TYR A 88 3.79 20.56 -20.22
CA TYR A 88 3.98 21.59 -19.21
C TYR A 88 5.18 22.48 -19.50
N ASN A 89 5.85 22.29 -20.64
CA ASN A 89 7.02 23.09 -21.03
C ASN A 89 8.13 23.00 -19.98
N GLN A 90 8.35 21.80 -19.46
CA GLN A 90 9.35 21.58 -18.43
C GLN A 90 10.68 21.18 -19.03
N SER A 91 11.76 21.55 -18.34
CA SER A 91 13.10 21.24 -18.80
C SER A 91 13.41 19.76 -18.60
N GLU A 92 14.51 19.32 -19.21
CA GLU A 92 14.99 17.95 -19.08
C GLU A 92 15.72 17.71 -17.77
N ALA A 93 15.87 18.72 -16.91
CA ALA A 93 16.74 18.60 -15.75
C ALA A 93 16.08 17.88 -14.59
N GLY A 94 14.76 18.03 -14.43
CA GLY A 94 14.09 17.49 -13.26
C GLY A 94 13.49 16.11 -13.49
N SER A 95 13.27 15.41 -12.38
CA SER A 95 12.65 14.09 -12.40
C SER A 95 11.14 14.24 -12.19
N HIS A 96 10.37 13.45 -12.94
CA HIS A 96 8.91 13.52 -12.89
C HIS A 96 8.34 12.12 -12.89
N THR A 97 7.12 12.00 -12.35
CA THR A 97 6.50 10.71 -12.10
C THR A 97 5.13 10.62 -12.77
N ILE A 98 4.88 9.51 -13.44
CA ILE A 98 3.56 9.15 -13.92
C ILE A 98 3.06 7.99 -13.08
N GLN A 99 1.83 8.11 -12.58
CA GLN A 99 1.21 7.05 -11.80
C GLN A 99 -0.11 6.65 -12.44
N ARG A 100 -0.46 5.38 -12.31
CA ARG A 100 -1.69 4.86 -12.89
C ARG A 100 -2.30 3.82 -11.96
N MET A 101 -3.61 3.91 -11.77
CA MET A 101 -4.37 2.99 -10.94
C MET A 101 -5.62 2.58 -11.71
N TYR A 102 -5.80 1.28 -11.91
CA TYR A 102 -6.96 0.79 -12.63
C TYR A 102 -7.37 -0.57 -12.06
N GLY A 103 -8.64 -0.89 -12.25
CA GLY A 103 -9.17 -2.16 -11.77
C GLY A 103 -10.68 -2.14 -11.73
N CYS A 104 -11.23 -3.20 -11.13
CA CYS A 104 -12.67 -3.44 -11.11
C CYS A 104 -13.12 -3.80 -9.70
N ASP A 105 -14.32 -3.34 -9.35
CA ASP A 105 -15.01 -3.73 -8.13
C ASP A 105 -16.20 -4.60 -8.51
N VAL A 106 -16.27 -5.79 -7.93
CA VAL A 106 -17.23 -6.81 -8.35
C VAL A 106 -18.02 -7.29 -7.14
N GLY A 107 -19.35 -7.22 -7.24
CA GLY A 107 -20.21 -7.71 -6.20
C GLY A 107 -20.25 -9.23 -6.14
N PRO A 108 -20.93 -9.75 -5.10
CA PRO A 108 -20.91 -11.19 -4.82
C PRO A 108 -20.96 -12.12 -6.02
N HIS A 109 -22.09 -12.15 -6.73
CA HIS A 109 -22.27 -13.14 -7.79
C HIS A 109 -21.60 -12.71 -9.10
N GLY A 110 -20.35 -12.26 -9.02
CA GLY A 110 -19.56 -11.98 -10.21
C GLY A 110 -20.01 -10.78 -11.02
N ARG A 111 -20.81 -9.88 -10.43
CA ARG A 111 -21.34 -8.74 -11.15
C ARG A 111 -20.44 -7.52 -10.95
N LEU A 112 -20.13 -6.84 -12.05
CA LEU A 112 -19.29 -5.66 -11.98
C LEU A 112 -20.04 -4.49 -11.35
N LEU A 113 -19.39 -3.81 -10.41
CA LEU A 113 -19.95 -2.63 -9.77
C LEU A 113 -19.37 -1.33 -10.31
N ARG A 114 -18.05 -1.27 -10.51
CA ARG A 114 -17.42 -0.09 -11.07
C ARG A 114 -16.02 -0.44 -11.55
N GLY A 115 -15.68 0.06 -12.73
CA GLY A 115 -14.31 0.06 -13.20
C GLY A 115 -13.71 1.44 -13.11
N TYR A 116 -12.38 1.50 -13.22
CA TYR A 116 -11.70 2.78 -13.12
C TYR A 116 -10.35 2.69 -13.81
N ASP A 117 -9.87 3.87 -14.23
CA ASP A 117 -8.52 4.01 -14.78
C ASP A 117 -8.12 5.46 -14.58
N GLN A 118 -7.34 5.72 -13.53
CA GLN A 118 -6.97 7.07 -13.14
C GLN A 118 -5.46 7.23 -13.19
N LEU A 119 -5.01 8.41 -13.60
CA LEU A 119 -3.59 8.69 -13.78
C LEU A 119 -3.23 10.01 -13.11
N ALA A 120 -2.02 10.07 -12.58
CA ALA A 120 -1.51 11.26 -11.92
C ALA A 120 -0.13 11.60 -12.48
N TYR A 121 0.15 12.90 -12.56
CA TYR A 121 1.46 13.41 -12.95
C TYR A 121 2.03 14.19 -11.78
N ASP A 122 3.19 13.76 -11.29
CA ASP A 122 3.85 14.39 -10.15
C ASP A 122 2.94 14.43 -8.92
N GLY A 123 2.16 13.36 -8.73
CA GLY A 123 1.35 13.21 -7.54
C GLY A 123 0.05 13.95 -7.53
N ALA A 124 -0.33 14.60 -8.63
CA ALA A 124 -1.60 15.29 -8.74
C ALA A 124 -2.39 14.72 -9.91
N ASP A 125 -3.72 14.80 -9.81
CA ASP A 125 -4.59 14.22 -10.81
C ASP A 125 -4.27 14.77 -12.20
N TYR A 126 -4.29 13.88 -13.20
CA TYR A 126 -3.99 14.25 -14.57
C TYR A 126 -5.17 13.94 -15.48
N ILE A 127 -5.52 12.67 -15.66
CA ILE A 127 -6.69 12.28 -16.43
C ILE A 127 -7.26 11.03 -15.79
N ALA A 128 -8.59 10.87 -15.90
CA ALA A 128 -9.28 9.74 -15.31
C ALA A 128 -10.41 9.30 -16.21
N LEU A 129 -10.63 7.99 -16.29
CA LEU A 129 -11.78 7.47 -17.01
C LEU A 129 -13.03 7.65 -16.14
N ASN A 130 -14.08 8.20 -16.74
CA ASN A 130 -15.30 8.49 -15.99
C ASN A 130 -16.00 7.20 -15.59
N GLU A 131 -17.04 7.37 -14.75
CA GLU A 131 -17.72 6.21 -14.17
C GLU A 131 -18.54 5.45 -15.20
N ASP A 132 -19.07 6.14 -16.22
CA ASP A 132 -19.75 5.43 -17.29
C ASP A 132 -18.80 4.62 -18.15
N LEU A 133 -17.49 4.72 -17.92
CA LEU A 133 -16.46 4.01 -18.68
C LEU A 133 -16.54 4.34 -20.17
N ARG A 134 -16.90 5.59 -20.49
CA ARG A 134 -17.06 6.01 -21.88
C ARG A 134 -16.47 7.37 -22.17
N SER A 135 -15.90 8.06 -21.19
CA SER A 135 -15.35 9.40 -21.41
C SER A 135 -14.28 9.66 -20.36
N TRP A 136 -13.45 10.67 -20.63
CA TRP A 136 -12.34 11.02 -19.78
C TRP A 136 -12.51 12.42 -19.20
N THR A 137 -11.90 12.64 -18.04
CA THR A 137 -11.86 13.95 -17.40
C THR A 137 -10.40 14.36 -17.27
N ALA A 138 -10.00 15.39 -18.00
CA ALA A 138 -8.66 15.96 -17.88
C ALA A 138 -8.66 16.98 -16.74
N ALA A 139 -7.63 16.91 -15.90
CA ALA A 139 -7.56 17.74 -14.71
C ALA A 139 -7.08 19.16 -15.00
N ASP A 140 -6.33 19.37 -16.09
CA ASP A 140 -5.81 20.69 -16.41
C ASP A 140 -5.76 20.85 -17.92
N LEU A 141 -5.14 21.94 -18.38
CA LEU A 141 -5.06 22.20 -19.80
C LEU A 141 -4.04 21.29 -20.49
N ALA A 142 -2.95 20.96 -19.79
CA ALA A 142 -1.94 20.09 -20.36
C ALA A 142 -2.50 18.69 -20.63
N ALA A 143 -3.35 18.20 -19.73
CA ALA A 143 -3.95 16.87 -19.90
C ALA A 143 -4.96 16.82 -21.04
N GLN A 144 -5.42 17.98 -21.54
CA GLN A 144 -6.33 17.97 -22.69
C GLN A 144 -5.65 17.45 -23.94
N ASN A 145 -4.31 17.51 -24.00
CA ASN A 145 -3.59 16.87 -25.10
C ASN A 145 -3.80 15.37 -25.07
N THR A 146 -3.71 14.77 -23.89
CA THR A 146 -3.91 13.33 -23.77
C THR A 146 -5.37 12.96 -24.02
N ARG A 147 -6.31 13.75 -23.48
CA ARG A 147 -7.72 13.43 -23.63
C ARG A 147 -8.16 13.46 -25.08
N ARG A 148 -7.68 14.45 -25.84
CA ARG A 148 -8.01 14.51 -27.27
C ARG A 148 -7.41 13.31 -28.01
N LYS A 149 -6.17 12.95 -27.69
CA LYS A 149 -5.58 11.74 -28.26
C LYS A 149 -6.45 10.53 -28.00
N TRP A 150 -6.78 10.29 -26.73
CA TRP A 150 -7.45 9.06 -26.35
C TRP A 150 -8.89 9.01 -26.85
N GLU A 151 -9.55 10.16 -26.97
CA GLU A 151 -10.90 10.18 -27.51
C GLU A 151 -10.91 9.76 -28.97
N GLU A 152 -10.07 10.39 -29.79
CA GLU A 152 -10.04 10.10 -31.23
C GLU A 152 -9.61 8.68 -31.53
N ALA A 153 -8.86 8.04 -30.63
CA ALA A 153 -8.48 6.65 -30.81
C ALA A 153 -9.50 5.67 -30.24
N GLY A 154 -10.52 6.16 -29.55
CA GLY A 154 -11.50 5.28 -28.92
C GLY A 154 -10.93 4.42 -27.83
N TYR A 155 -10.06 4.98 -26.98
CA TYR A 155 -9.43 4.19 -25.93
C TYR A 155 -10.37 3.87 -24.78
N ALA A 156 -11.43 4.65 -24.60
CA ALA A 156 -12.39 4.37 -23.54
C ALA A 156 -13.11 3.04 -23.78
N GLU A 157 -13.41 2.73 -25.04
CA GLU A 157 -14.06 1.46 -25.35
C GLU A 157 -13.14 0.28 -25.05
N ARG A 158 -11.87 0.39 -25.42
CA ARG A 158 -10.92 -0.67 -25.11
C ARG A 158 -10.72 -0.83 -23.61
N ASP A 159 -10.80 0.28 -22.86
CA ASP A 159 -10.74 0.20 -21.41
C ASP A 159 -11.99 -0.47 -20.84
N ARG A 160 -13.16 -0.06 -21.34
CA ARG A 160 -14.41 -0.67 -20.90
C ARG A 160 -14.44 -2.16 -21.22
N ALA A 161 -13.85 -2.56 -22.36
CA ALA A 161 -13.81 -3.97 -22.72
C ALA A 161 -13.01 -4.76 -21.70
N TYR A 162 -11.84 -4.26 -21.30
CA TYR A 162 -11.05 -4.94 -20.29
C TYR A 162 -11.76 -4.93 -18.94
N LEU A 163 -12.23 -3.75 -18.52
CA LEU A 163 -12.80 -3.62 -17.18
C LEU A 163 -14.05 -4.48 -17.01
N GLU A 164 -14.88 -4.58 -18.06
CA GLU A 164 -16.05 -5.44 -18.00
C GLU A 164 -15.73 -6.90 -18.28
N GLY A 165 -14.56 -7.19 -18.86
CA GLY A 165 -14.25 -8.54 -19.28
C GLY A 165 -13.17 -9.23 -18.47
N GLU A 166 -11.91 -9.08 -18.89
CA GLU A 166 -10.82 -9.82 -18.27
C GLU A 166 -10.63 -9.44 -16.80
N CYS A 167 -10.92 -8.18 -16.44
CA CYS A 167 -10.78 -7.76 -15.05
C CYS A 167 -11.71 -8.56 -14.15
N VAL A 168 -12.97 -8.72 -14.55
CA VAL A 168 -13.91 -9.52 -13.78
C VAL A 168 -13.53 -10.99 -13.85
N GLU A 169 -13.10 -11.46 -15.02
CA GLU A 169 -12.79 -12.87 -15.19
C GLU A 169 -11.54 -13.27 -14.42
N TRP A 170 -10.56 -12.38 -14.33
CA TRP A 170 -9.33 -12.72 -13.62
C TRP A 170 -9.43 -12.49 -12.12
N LEU A 171 -10.23 -11.52 -11.70
CA LEU A 171 -10.57 -11.41 -10.28
C LEU A 171 -11.25 -12.69 -9.81
N LEU A 172 -12.07 -13.30 -10.66
CA LEU A 172 -12.76 -14.52 -10.28
C LEU A 172 -11.81 -15.71 -10.26
N LYS A 173 -10.94 -15.82 -11.26
CA LYS A 173 -9.90 -16.85 -11.26
C LYS A 173 -9.05 -16.74 -10.01
N HIS A 174 -8.59 -15.52 -9.70
CA HIS A 174 -7.72 -15.31 -8.55
C HIS A 174 -8.44 -15.62 -7.24
N LEU A 175 -9.69 -15.17 -7.11
CA LEU A 175 -10.45 -15.43 -5.89
C LEU A 175 -10.55 -16.92 -5.61
N GLU A 176 -10.84 -17.70 -6.66
CA GLU A 176 -11.06 -19.13 -6.50
C GLU A 176 -9.74 -19.87 -6.35
N ASN A 177 -8.77 -19.58 -7.23
CA ASN A 177 -7.45 -20.20 -7.13
C ASN A 177 -6.78 -19.85 -5.81
N GLY A 178 -7.03 -18.65 -5.28
CA GLY A 178 -6.43 -18.24 -4.03
C GLY A 178 -7.43 -18.09 -2.90
N ARG A 179 -8.42 -18.99 -2.84
CA ARG A 179 -9.45 -18.91 -1.80
C ARG A 179 -8.83 -18.97 -0.41
N GLU A 180 -7.80 -19.80 -0.24
CA GLU A 180 -7.15 -19.92 1.06
C GLU A 180 -6.61 -18.57 1.54
N THR A 181 -5.92 -17.85 0.66
CA THR A 181 -5.35 -16.56 1.04
C THR A 181 -6.40 -15.45 1.02
N LEU A 182 -7.22 -15.40 -0.03
CA LEU A 182 -8.07 -14.25 -0.30
C LEU A 182 -9.38 -14.27 0.47
N LEU A 183 -10.09 -15.40 0.47
CA LEU A 183 -11.38 -15.48 1.13
C LEU A 183 -11.25 -15.60 2.64
N ARG A 184 -10.02 -15.71 3.14
CA ARG A 184 -9.68 -15.61 4.56
C ARG A 184 -10.36 -14.43 5.22
N ALA A 185 -10.74 -14.58 6.50
CA ALA A 185 -11.32 -13.51 7.29
C ALA A 185 -10.76 -13.64 8.71
N ASP A 186 -9.48 -13.36 8.85
CA ASP A 186 -8.78 -13.57 10.12
C ASP A 186 -9.08 -12.44 11.09
N PRO A 187 -9.65 -12.73 12.26
CA PRO A 187 -9.85 -11.69 13.27
C PRO A 187 -8.53 -11.28 13.91
N PRO A 188 -8.48 -10.11 14.52
CA PRO A 188 -7.22 -9.67 15.14
C PRO A 188 -7.02 -10.26 16.52
N LYS A 189 -5.75 -10.23 16.96
CA LYS A 189 -5.39 -10.53 18.34
C LYS A 189 -5.42 -9.23 19.12
N THR A 190 -6.35 -9.10 20.05
CA THR A 190 -6.60 -7.85 20.75
C THR A 190 -6.20 -7.97 22.22
N HIS A 191 -5.66 -6.88 22.75
CA HIS A 191 -5.24 -6.78 24.15
C HIS A 191 -4.92 -5.32 24.44
N ILE A 192 -4.97 -4.97 25.72
CA ILE A 192 -4.75 -3.60 26.16
C ILE A 192 -3.50 -3.56 27.03
N THR A 193 -2.57 -2.67 26.70
CA THR A 193 -1.37 -2.44 27.49
C THR A 193 -1.55 -1.17 28.33
N HIS A 194 -0.46 -0.70 28.93
CA HIS A 194 -0.57 0.34 29.95
C HIS A 194 0.76 1.03 30.14
N HIS A 195 0.73 2.37 30.15
CA HIS A 195 1.93 3.18 30.33
C HIS A 195 1.54 4.43 31.12
N PRO A 196 1.76 4.42 32.44
CA PRO A 196 1.56 5.65 33.21
C PRO A 196 2.64 6.65 32.86
N ILE A 197 2.33 7.92 33.08
CA ILE A 197 3.27 8.98 32.76
C ILE A 197 3.44 9.87 33.98
N SER A 198 2.35 10.12 34.69
CA SER A 198 2.37 10.80 35.97
C SER A 198 1.86 9.84 37.04
N ASP A 199 1.91 10.30 38.30
CA ASP A 199 1.16 9.69 39.38
C ASP A 199 -0.32 10.02 39.30
N ARG A 200 -0.80 10.32 38.10
CA ARG A 200 -1.88 11.27 37.90
C ARG A 200 -2.46 11.15 36.50
N GLU A 201 -1.73 10.49 35.60
CA GLU A 201 -2.13 10.35 34.21
C GLU A 201 -1.54 9.07 33.64
N VAL A 202 -2.31 8.40 32.77
CA VAL A 202 -1.97 7.06 32.30
C VAL A 202 -2.45 6.89 30.85
N THR A 203 -1.68 6.13 30.08
CA THR A 203 -2.02 5.80 28.70
C THR A 203 -2.57 4.39 28.58
N LEU A 204 -3.74 4.25 27.96
CA LEU A 204 -4.34 2.97 27.65
C LEU A 204 -4.24 2.72 26.14
N ARG A 205 -3.52 1.68 25.75
CA ARG A 205 -3.29 1.37 24.34
C ARG A 205 -3.98 0.06 23.99
N CYS A 206 -4.91 0.11 23.03
CA CYS A 206 -5.71 -1.04 22.61
C CYS A 206 -5.17 -1.54 21.28
N TRP A 207 -4.59 -2.74 21.27
CA TRP A 207 -3.94 -3.29 20.10
C TRP A 207 -4.86 -4.23 19.33
N ALA A 208 -4.57 -4.37 18.03
CA ALA A 208 -5.20 -5.37 17.17
C ALA A 208 -4.14 -5.86 16.21
N LEU A 209 -3.78 -7.14 16.31
CA LEU A 209 -2.61 -7.68 15.61
C LEU A 209 -2.99 -8.84 14.71
N GLY A 210 -2.40 -8.85 13.52
CA GLY A 210 -2.51 -9.98 12.61
C GLY A 210 -3.87 -10.22 12.00
N PHE A 211 -4.59 -9.16 11.64
CA PHE A 211 -5.92 -9.30 11.04
C PHE A 211 -5.86 -9.06 9.54
N TYR A 212 -6.78 -9.71 8.83
CA TYR A 212 -6.98 -9.56 7.40
C TYR A 212 -8.46 -9.75 7.15
N PRO A 213 -9.10 -8.92 6.29
CA PRO A 213 -8.51 -7.81 5.54
C PRO A 213 -8.16 -6.58 6.37
N GLU A 214 -7.68 -5.53 5.70
CA GLU A 214 -7.13 -4.37 6.39
C GLU A 214 -8.20 -3.55 7.11
N GLU A 215 -9.44 -3.58 6.62
CA GLU A 215 -10.49 -2.74 7.19
C GLU A 215 -10.78 -3.15 8.63
N ILE A 216 -10.75 -2.16 9.53
CA ILE A 216 -10.96 -2.40 10.95
C ILE A 216 -11.37 -1.08 11.57
N THR A 217 -12.12 -1.15 12.68
CA THR A 217 -12.58 0.03 13.39
C THR A 217 -12.27 -0.13 14.87
N LEU A 218 -11.43 0.74 15.41
CA LEU A 218 -11.11 0.78 16.82
C LEU A 218 -11.73 2.04 17.42
N THR A 219 -12.51 1.87 18.48
CA THR A 219 -13.19 2.99 19.15
C THR A 219 -13.00 2.86 20.64
N TRP A 220 -12.64 3.96 21.28
CA TRP A 220 -12.57 4.05 22.74
C TRP A 220 -13.85 4.71 23.25
N GLN A 221 -14.34 4.22 24.39
CA GLN A 221 -15.55 4.75 24.99
C GLN A 221 -15.34 4.96 26.48
N HIS A 222 -15.93 6.03 27.01
CA HIS A 222 -15.98 6.29 28.44
C HIS A 222 -17.44 6.26 28.88
N ASP A 223 -17.81 5.23 29.63
CA ASP A 223 -19.19 5.05 30.08
C ASP A 223 -20.16 5.09 28.91
N GLY A 224 -19.77 4.47 27.80
CA GLY A 224 -20.60 4.42 26.62
C GLY A 224 -20.57 5.67 25.76
N GLU A 225 -19.68 6.62 26.03
CA GLU A 225 -19.55 7.83 25.24
C GLU A 225 -18.32 7.73 24.34
N ASP A 226 -18.51 7.97 23.05
CA ASP A 226 -17.41 7.82 22.10
C ASP A 226 -16.32 8.84 22.36
N GLN A 227 -15.07 8.37 22.32
CA GLN A 227 -13.89 9.21 22.58
C GLN A 227 -13.02 9.35 21.34
N THR A 228 -13.63 9.37 20.16
CA THR A 228 -12.85 9.42 18.91
C THR A 228 -12.01 10.69 18.83
N GLN A 229 -12.57 11.83 19.22
CA GLN A 229 -11.85 13.09 19.15
C GLN A 229 -10.65 13.13 20.10
N GLU A 230 -10.62 12.28 21.12
CA GLU A 230 -9.60 12.36 22.16
C GLU A 230 -8.57 11.25 22.09
N MET A 231 -8.68 10.33 21.13
CA MET A 231 -7.77 9.19 21.06
C MET A 231 -6.72 9.40 19.99
N GLU A 232 -5.67 8.57 20.06
CA GLU A 232 -4.55 8.59 19.11
C GLU A 232 -4.64 7.35 18.24
N LEU A 233 -5.18 7.51 17.04
CA LEU A 233 -5.37 6.41 16.10
C LEU A 233 -4.19 6.36 15.15
N VAL A 234 -3.37 5.32 15.26
CA VAL A 234 -2.21 5.16 14.40
C VAL A 234 -2.65 4.55 13.07
N GLU A 235 -1.90 4.83 12.02
CA GLU A 235 -2.25 4.32 10.70
C GLU A 235 -1.95 2.84 10.61
N THR A 236 -2.89 2.10 10.02
CA THR A 236 -2.76 0.65 9.91
C THR A 236 -1.49 0.28 9.13
N ARG A 237 -0.81 -0.77 9.59
CA ARG A 237 0.50 -1.15 9.11
C ARG A 237 0.50 -2.58 8.60
N PRO A 238 1.41 -2.94 7.69
CA PRO A 238 1.52 -4.34 7.26
C PRO A 238 2.41 -5.13 8.22
N ASP A 239 1.90 -6.28 8.68
CA ASP A 239 2.63 -7.04 9.68
C ASP A 239 3.84 -7.78 9.11
N GLY A 240 4.07 -7.72 7.80
CA GLY A 240 5.17 -8.41 7.18
C GLY A 240 4.85 -9.82 6.73
N ASN A 241 3.69 -10.36 7.11
CA ASN A 241 3.27 -11.71 6.74
C ASN A 241 1.83 -11.68 6.24
N GLY A 242 1.53 -10.72 5.36
CA GLY A 242 0.24 -10.65 4.72
C GLY A 242 -0.91 -10.20 5.58
N ALA A 243 -0.66 -9.77 6.81
CA ALA A 243 -1.70 -9.29 7.72
C ALA A 243 -1.37 -7.85 8.14
N PHE A 244 -2.16 -7.32 9.08
CA PHE A 244 -2.06 -5.91 9.43
C PHE A 244 -2.19 -5.73 10.94
N GLN A 245 -1.81 -4.53 11.40
CA GLN A 245 -1.91 -4.15 12.81
C GLN A 245 -2.37 -2.70 12.90
N LYS A 246 -2.92 -2.35 14.06
CA LYS A 246 -3.34 -0.98 14.37
C LYS A 246 -3.71 -0.91 15.84
N TRP A 247 -3.33 0.19 16.50
CA TRP A 247 -3.69 0.42 17.88
C TRP A 247 -4.33 1.79 18.05
N ALA A 248 -5.16 1.91 19.08
CA ALA A 248 -5.77 3.17 19.48
C ALA A 248 -5.44 3.42 20.94
N ALA A 249 -4.97 4.62 21.25
CA ALA A 249 -4.52 4.96 22.58
C ALA A 249 -5.37 6.08 23.18
N LEU A 250 -5.45 6.09 24.51
CA LEU A 250 -6.16 7.11 25.26
C LEU A 250 -5.36 7.42 26.52
N VAL A 251 -5.50 8.64 27.02
CA VAL A 251 -4.88 9.05 28.27
C VAL A 251 -6.01 9.35 29.26
N VAL A 252 -5.98 8.66 30.39
CA VAL A 252 -7.13 8.55 31.27
C VAL A 252 -6.74 9.05 32.66
N PRO A 253 -7.71 9.41 33.50
CA PRO A 253 -7.42 9.65 34.91
C PRO A 253 -7.00 8.36 35.59
N SER A 254 -5.84 8.39 36.24
CA SER A 254 -5.32 7.21 36.91
C SER A 254 -6.32 6.71 37.96
N GLY A 255 -6.47 5.39 38.05
CA GLY A 255 -7.41 4.77 38.95
C GLY A 255 -8.81 4.62 38.39
N GLU A 256 -9.17 5.37 37.36
CA GLU A 256 -10.49 5.31 36.73
C GLU A 256 -10.44 4.54 35.42
N GLU A 257 -9.72 3.41 35.39
CA GLU A 257 -9.50 2.70 34.14
C GLU A 257 -10.74 1.92 33.70
N GLN A 258 -11.40 1.24 34.63
CA GLN A 258 -12.52 0.35 34.33
C GLN A 258 -13.76 1.07 33.80
N ARG A 259 -13.73 2.38 33.57
CA ARG A 259 -14.83 3.06 32.90
C ARG A 259 -14.57 3.23 31.41
N TYR A 260 -13.48 2.66 30.90
CA TYR A 260 -13.07 2.81 29.51
C TYR A 260 -13.12 1.45 28.81
N THR A 261 -13.77 1.42 27.66
CA THR A 261 -13.94 0.18 26.90
C THR A 261 -13.51 0.40 25.46
N CYS A 262 -12.85 -0.60 24.89
CA CYS A 262 -12.35 -0.54 23.52
C CYS A 262 -13.26 -1.36 22.62
N HIS A 263 -13.86 -0.71 21.62
CA HIS A 263 -14.79 -1.35 20.70
C HIS A 263 -14.06 -1.67 19.40
N VAL A 264 -14.07 -2.95 19.03
CA VAL A 264 -13.32 -3.45 17.88
C VAL A 264 -14.29 -4.06 16.88
N GLN A 265 -14.29 -3.54 15.66
CA GLN A 265 -15.12 -4.04 14.56
C GLN A 265 -14.23 -4.58 13.47
N HIS A 266 -14.39 -5.86 13.13
CA HIS A 266 -13.67 -6.47 12.04
C HIS A 266 -14.58 -7.46 11.31
N GLU A 267 -14.29 -7.67 10.03
CA GLU A 267 -15.12 -8.55 9.21
C GLU A 267 -15.04 -9.99 9.68
N GLY A 268 -13.85 -10.45 10.04
CA GLY A 268 -13.66 -11.83 10.46
C GLY A 268 -13.93 -12.06 11.93
N LEU A 269 -14.78 -11.22 12.51
CA LEU A 269 -15.21 -11.28 13.90
C LEU A 269 -16.67 -11.72 13.97
N PRO A 270 -17.04 -12.58 14.92
CA PRO A 270 -18.45 -12.97 15.04
C PRO A 270 -19.36 -11.78 15.29
N GLN A 271 -18.96 -10.93 16.22
CA GLN A 271 -19.66 -9.69 16.54
C GLN A 271 -18.64 -8.71 17.09
N PRO A 272 -18.91 -7.41 17.03
CA PRO A 272 -17.94 -6.44 17.56
C PRO A 272 -17.66 -6.70 19.04
N LEU A 273 -16.39 -6.54 19.41
CA LEU A 273 -15.93 -6.82 20.77
C LEU A 273 -15.89 -5.55 21.60
N THR A 274 -16.14 -5.69 22.89
CA THR A 274 -16.01 -4.62 23.86
C THR A 274 -14.96 -5.02 24.88
N LEU A 275 -13.88 -4.26 24.95
CA LEU A 275 -12.70 -4.64 25.72
C LEU A 275 -12.53 -3.68 26.89
N ARG A 276 -12.54 -4.23 28.10
CA ARG A 276 -12.04 -3.52 29.27
C ARG A 276 -10.61 -3.97 29.56
N TRP A 277 -9.94 -3.23 30.41
CA TRP A 277 -8.65 -3.66 30.92
C TRP A 277 -8.80 -4.04 32.39
N GLU A 278 -7.99 -5.01 32.81
CA GLU A 278 -8.10 -5.66 34.10
C GLU A 278 -6.70 -6.08 34.54
N PRO A 279 -6.34 -5.90 35.82
CA PRO A 279 -5.04 -6.31 36.35
C PRO A 279 -4.74 -7.78 36.12
N GLU B 1 6.47 21.20 -1.86
CA GLU B 1 5.78 20.36 -2.84
C GLU B 1 5.98 18.85 -2.63
N PRO B 2 7.20 18.40 -2.30
CA PRO B 2 7.35 17.00 -1.91
C PRO B 2 6.58 16.68 -0.64
N ARG B 3 6.04 15.47 -0.59
CA ARG B 3 5.30 14.99 0.57
C ARG B 3 6.23 14.23 1.49
N THR B 4 6.15 14.52 2.79
CA THR B 4 7.14 13.93 3.69
C THR B 4 6.64 12.61 4.25
N PRO B 5 7.54 11.63 4.40
CA PRO B 5 7.12 10.29 4.81
C PRO B 5 6.82 10.20 6.29
N LYS B 6 5.86 9.33 6.61
CA LYS B 6 5.56 8.96 7.98
C LYS B 6 6.13 7.58 8.26
N ILE B 7 6.68 7.40 9.46
CA ILE B 7 7.54 6.25 9.77
C ILE B 7 7.06 5.59 11.03
N GLN B 8 6.77 4.30 10.96
CA GLN B 8 6.57 3.44 12.12
C GLN B 8 7.63 2.34 12.09
N VAL B 9 8.20 2.02 13.25
CA VAL B 9 9.22 0.98 13.37
C VAL B 9 8.75 -0.03 14.41
N TYR B 10 8.78 -1.32 14.06
CA TYR B 10 8.09 -2.29 14.90
C TYR B 10 8.62 -3.70 14.69
N SER B 11 8.21 -4.60 15.59
CA SER B 11 8.32 -6.04 15.47
C SER B 11 6.95 -6.60 15.10
N ARG B 12 6.95 -7.75 14.42
CA ARG B 12 5.70 -8.39 14.04
C ARG B 12 4.97 -8.94 15.24
N HIS B 13 5.69 -9.58 16.17
CA HIS B 13 5.08 -10.18 17.34
C HIS B 13 5.54 -9.47 18.61
N PRO B 14 4.74 -9.54 19.69
CA PRO B 14 5.20 -8.99 20.98
C PRO B 14 6.57 -9.53 21.35
N ALA B 15 7.54 -8.63 21.53
CA ALA B 15 8.94 -9.01 21.56
C ALA B 15 9.42 -9.34 22.96
N GLU B 16 10.30 -10.33 23.04
CA GLU B 16 11.10 -10.60 24.22
C GLU B 16 12.42 -11.18 23.74
N ASN B 17 13.49 -10.92 24.50
CA ASN B 17 14.82 -11.30 24.07
C ASN B 17 14.93 -12.81 23.85
N GLY B 18 15.94 -13.20 23.09
CA GLY B 18 16.11 -14.58 22.70
C GLY B 18 15.23 -14.94 21.51
N LYS B 19 13.92 -15.04 21.73
CA LYS B 19 12.97 -15.41 20.70
C LYS B 19 13.14 -14.52 19.47
N PRO B 20 13.41 -15.10 18.30
CA PRO B 20 13.58 -14.27 17.09
C PRO B 20 12.23 -13.77 16.60
N ASN B 21 12.30 -12.70 15.81
CA ASN B 21 11.09 -12.01 15.36
C ASN B 21 11.43 -11.27 14.07
N TYR B 22 10.53 -10.38 13.66
CA TYR B 22 10.64 -9.67 12.38
C TYR B 22 10.51 -8.18 12.64
N LEU B 23 11.58 -7.43 12.33
CA LEU B 23 11.62 -5.99 12.52
C LEU B 23 11.25 -5.32 11.21
N ASN B 24 10.25 -4.44 11.26
CA ASN B 24 9.76 -3.76 10.07
C ASN B 24 9.83 -2.25 10.25
N CYS B 25 9.99 -1.55 9.13
CA CYS B 25 10.01 -0.09 9.08
C CYS B 25 9.05 0.34 7.98
N TYR B 26 7.84 0.75 8.37
CA TYR B 26 6.79 1.12 7.42
C TYR B 26 6.89 2.61 7.14
N VAL B 27 7.13 2.95 5.86
CA VAL B 27 7.32 4.33 5.43
C VAL B 27 6.27 4.64 4.38
N TYR B 28 5.46 5.66 4.64
CA TYR B 28 4.26 5.90 3.84
C TYR B 28 3.96 7.39 3.80
N GLY B 29 3.12 7.77 2.84
CA GLY B 29 2.67 9.13 2.71
C GLY B 29 3.64 10.08 2.05
N PHE B 30 4.61 9.57 1.30
CA PHE B 30 5.66 10.39 0.70
C PHE B 30 5.49 10.48 -0.81
N HIS B 31 6.26 11.39 -1.38
CA HIS B 31 6.30 11.73 -2.80
C HIS B 31 7.39 12.78 -2.96
N PRO B 32 8.32 12.64 -3.92
CA PRO B 32 8.51 11.68 -5.01
C PRO B 32 8.88 10.26 -4.54
N PRO B 33 8.89 9.29 -5.46
CA PRO B 33 9.06 7.89 -5.05
C PRO B 33 10.47 7.51 -4.57
N GLN B 34 11.51 8.23 -5.00
CA GLN B 34 12.86 7.87 -4.58
C GLN B 34 13.05 8.10 -3.09
N ILE B 35 13.68 7.14 -2.42
CA ILE B 35 14.00 7.20 -1.00
C ILE B 35 15.17 6.28 -0.72
N GLU B 36 15.70 6.38 0.50
CA GLU B 36 16.63 5.40 1.04
C GLU B 36 16.09 4.95 2.39
N ILE B 37 15.79 3.66 2.52
CA ILE B 37 15.34 3.10 3.79
C ILE B 37 16.27 1.94 4.14
N ASP B 38 16.90 2.03 5.30
CA ASP B 38 17.67 0.93 5.86
C ASP B 38 17.32 0.79 7.33
N LEU B 39 17.38 -0.45 7.82
CA LEU B 39 17.29 -0.73 9.24
C LEU B 39 18.70 -0.84 9.80
N LEU B 40 19.02 -0.02 10.79
CA LEU B 40 20.36 0.03 11.36
C LEU B 40 20.42 -0.81 12.62
N LYS B 41 21.52 -1.56 12.76
CA LYS B 41 21.82 -2.39 13.93
C LYS B 41 23.02 -1.79 14.64
N ASN B 42 22.77 -1.10 15.75
CA ASN B 42 23.81 -0.37 16.47
C ASN B 42 24.51 0.61 15.53
N GLY B 43 23.70 1.40 14.82
CA GLY B 43 24.22 2.38 13.89
C GLY B 43 24.84 1.81 12.63
N GLN B 44 24.74 0.50 12.42
CA GLN B 44 25.35 -0.15 11.26
C GLN B 44 24.27 -0.74 10.37
N LYS B 45 24.50 -0.69 9.06
CA LYS B 45 23.48 -1.08 8.09
C LYS B 45 23.30 -2.60 8.08
N MET B 46 22.08 -3.06 8.35
CA MET B 46 21.72 -4.45 8.14
C MET B 46 21.50 -4.71 6.65
N LYS B 47 21.35 -5.99 6.31
CA LYS B 47 20.87 -6.38 4.99
C LYS B 47 19.39 -6.73 5.09
N THR B 48 18.58 -6.13 4.23
CA THR B 48 17.15 -6.11 4.42
C THR B 48 16.43 -6.45 3.12
N GLU B 49 15.12 -6.64 3.20
CA GLU B 49 14.27 -6.87 2.04
C GLU B 49 13.18 -5.81 1.99
N GLN B 50 13.05 -5.16 0.84
CA GLN B 50 12.13 -4.06 0.63
C GLN B 50 10.96 -4.51 -0.22
N SER B 51 9.77 -4.02 0.11
CA SER B 51 8.57 -4.40 -0.61
C SER B 51 8.50 -3.68 -1.96
N ASP B 52 7.50 -4.07 -2.76
CA ASP B 52 7.33 -3.50 -4.09
C ASP B 52 6.57 -2.18 -4.01
N LEU B 53 6.96 -1.23 -4.86
CA LEU B 53 6.44 0.13 -4.78
C LEU B 53 4.96 0.18 -5.13
N SER B 54 4.15 0.71 -4.21
CA SER B 54 2.73 0.93 -4.42
C SER B 54 2.38 2.29 -3.84
N PHE B 55 1.16 2.76 -4.12
CA PHE B 55 0.73 4.05 -3.65
C PHE B 55 -0.74 4.02 -3.25
N SER B 56 -1.12 4.99 -2.41
CA SER B 56 -2.48 5.12 -1.91
C SER B 56 -3.31 5.98 -2.86
N LYS B 57 -4.60 6.11 -2.55
CA LYS B 57 -5.52 6.82 -3.43
C LYS B 57 -5.26 8.33 -3.47
N ASP B 58 -4.46 8.87 -2.55
CA ASP B 58 -4.02 10.25 -2.64
C ASP B 58 -2.70 10.38 -3.38
N TRP B 59 -2.23 9.31 -4.01
CA TRP B 59 -1.06 9.18 -4.86
C TRP B 59 0.25 9.15 -4.07
N SER B 60 0.21 9.15 -2.74
CA SER B 60 1.42 9.02 -1.95
C SER B 60 1.83 7.55 -1.85
N PHE B 61 3.14 7.33 -1.79
CA PHE B 61 3.70 5.99 -1.81
C PHE B 61 3.85 5.43 -0.40
N TYR B 62 3.98 4.10 -0.34
CA TYR B 62 4.28 3.41 0.91
C TYR B 62 5.19 2.21 0.63
N LEU B 63 6.12 1.96 1.55
CA LEU B 63 7.07 0.88 1.41
C LEU B 63 7.27 0.19 2.75
N LEU B 64 7.50 -1.12 2.72
CA LEU B 64 7.81 -1.90 3.90
C LEU B 64 9.22 -2.47 3.78
N VAL B 65 10.03 -2.26 4.82
CA VAL B 65 11.39 -2.77 4.88
C VAL B 65 11.49 -3.66 6.11
N HIS B 66 12.15 -4.81 5.97
CA HIS B 66 12.15 -5.77 7.06
C HIS B 66 13.37 -6.66 7.01
N THR B 67 13.66 -7.29 8.15
CA THR B 67 14.75 -8.24 8.32
C THR B 67 14.47 -9.08 9.56
N ASP B 68 14.88 -10.35 9.50
CA ASP B 68 14.91 -11.17 10.69
C ASP B 68 15.77 -10.50 11.77
N PHE B 69 15.21 -10.34 12.97
CA PHE B 69 15.96 -9.73 14.05
C PHE B 69 15.73 -10.52 15.33
N THR B 70 16.78 -10.57 16.16
CA THR B 70 16.75 -11.29 17.43
C THR B 70 16.91 -10.28 18.56
N PRO B 71 15.85 -10.01 19.32
CA PRO B 71 15.95 -8.97 20.37
C PRO B 71 16.97 -9.34 21.43
N SER B 72 17.78 -8.35 21.81
CA SER B 72 18.68 -8.48 22.95
C SER B 72 18.49 -7.29 23.87
N THR B 73 19.33 -7.17 24.88
CA THR B 73 19.34 -5.99 25.74
C THR B 73 20.56 -5.11 25.51
N VAL B 74 21.53 -5.57 24.72
CA VAL B 74 22.79 -4.86 24.54
C VAL B 74 22.85 -4.11 23.22
N ASP B 75 21.84 -4.26 22.38
CA ASP B 75 21.89 -3.72 21.02
C ASP B 75 20.68 -2.86 20.72
N GLU B 76 20.87 -1.90 19.81
CA GLU B 76 19.90 -0.87 19.49
C GLU B 76 19.40 -1.03 18.05
N TYR B 77 18.13 -0.67 17.84
CA TYR B 77 17.43 -0.83 16.56
C TYR B 77 16.94 0.53 16.08
N SER B 78 17.36 0.93 14.88
CA SER B 78 16.92 2.18 14.29
C SER B 78 16.64 2.01 12.81
N CYS B 79 15.73 2.83 12.28
CA CYS B 79 15.43 2.88 10.85
C CYS B 79 15.81 4.24 10.31
N ARG B 80 16.68 4.26 9.30
CA ARG B 80 17.22 5.50 8.74
C ARG B 80 16.55 5.77 7.40
N VAL B 81 15.76 6.83 7.34
CA VAL B 81 15.01 7.21 6.15
C VAL B 81 15.57 8.51 5.61
N ASN B 82 15.71 8.58 4.29
CA ASN B 82 16.08 9.81 3.61
C ASN B 82 15.18 10.03 2.41
N HIS B 83 14.84 11.29 2.17
CA HIS B 83 13.89 11.67 1.13
C HIS B 83 14.11 13.13 0.79
N SER B 84 13.69 13.51 -0.42
CA SER B 84 13.90 14.88 -0.88
C SER B 84 13.15 15.90 -0.02
N SER B 85 12.12 15.48 0.69
CA SER B 85 11.37 16.38 1.57
C SER B 85 12.03 16.59 2.92
N LEU B 86 13.15 15.92 3.19
CA LEU B 86 13.86 16.05 4.44
C LEU B 86 15.13 16.85 4.24
N ALA B 87 15.50 17.63 5.26
CA ALA B 87 16.76 18.37 5.20
C ALA B 87 17.95 17.43 5.36
N ALA B 88 17.76 16.33 6.07
CA ALA B 88 18.80 15.33 6.29
C ALA B 88 18.13 14.03 6.71
N PRO B 89 18.81 12.89 6.55
CA PRO B 89 18.19 11.61 6.93
C PRO B 89 17.64 11.63 8.34
N HIS B 90 16.43 11.06 8.49
CA HIS B 90 15.77 10.93 9.78
C HIS B 90 15.92 9.50 10.29
N MET B 91 16.30 9.36 11.56
CA MET B 91 16.50 8.07 12.18
C MET B 91 15.46 7.87 13.29
N VAL B 92 14.67 6.80 13.17
CA VAL B 92 13.67 6.44 14.17
C VAL B 92 14.13 5.15 14.83
N LYS B 93 13.92 5.06 16.15
CA LYS B 93 14.34 3.92 16.94
C LYS B 93 13.18 2.96 17.16
N TRP B 94 13.46 1.66 17.04
CA TRP B 94 12.45 0.65 17.38
C TRP B 94 12.27 0.61 18.89
N ASP B 95 11.08 0.96 19.34
CA ASP B 95 10.75 0.98 20.75
C ASP B 95 9.86 -0.21 21.08
N ARG B 96 10.25 -0.98 22.09
CA ARG B 96 9.51 -2.16 22.51
C ARG B 96 8.01 -1.90 22.63
N ASN B 97 7.60 -0.64 22.75
CA ASN B 97 6.19 -0.26 22.73
C ASN B 97 6.00 0.80 21.65
N ASN B 98 5.78 0.34 20.43
CA ASN B 98 5.48 1.23 19.33
C ASN B 98 4.17 1.98 19.58
N ASP C 1 -4.84 -10.53 -16.02
CA ASP C 1 -3.90 -9.91 -16.95
C ASP C 1 -3.82 -8.40 -16.75
N PHE C 2 -2.67 -7.83 -17.11
CA PHE C 2 -2.58 -6.38 -17.23
C PHE C 2 -3.58 -5.88 -18.26
N ALA C 3 -4.03 -4.66 -18.08
CA ALA C 3 -4.89 -4.03 -19.07
C ALA C 3 -4.02 -3.52 -20.23
N ASN C 4 -4.63 -2.84 -21.19
CA ASN C 4 -3.86 -2.15 -22.19
C ASN C 4 -3.24 -0.89 -21.60
N THR C 5 -2.08 -0.52 -22.12
CA THR C 5 -1.40 0.71 -21.75
C THR C 5 -1.53 1.71 -22.88
N PHE C 6 -2.03 2.90 -22.56
CA PHE C 6 -2.23 3.95 -23.56
C PHE C 6 -1.20 5.06 -23.34
N LEU C 7 -0.80 5.69 -24.44
CA LEU C 7 0.31 6.62 -24.45
C LEU C 7 -0.17 8.04 -24.17
N LEU C 8 0.46 8.68 -23.20
CA LEU C 8 0.08 10.04 -22.79
C LEU C 8 0.57 11.08 -23.80
#